data_4GFJ
#
_entry.id   4GFJ
#
_cell.length_a   161.634
_cell.length_b   161.634
_cell.length_c   58.227
_cell.angle_alpha   90.00
_cell.angle_beta   90.00
_cell.angle_gamma   120.00
#
_symmetry.space_group_name_H-M   'P 61'
#
loop_
_entity.id
_entity.type
_entity.pdbx_description
1 polymer 'Topoisomerase V'
2 non-polymer GLYCEROL
3 non-polymer 'ZINC ION'
4 water water
#
_entity_poly.entity_id   1
_entity_poly.type   'polypeptide(L)'
_entity_poly.pdbx_seq_one_letter_code
;MALVYDAEFVGSEREFEEERETFLKGVKAYDGVLATRYLMERSSSAKNDEELLELHQNFILLTGSYACSIDPTEDRYQNV
IVRGVNFDERVQRLSTGGSPARYAIVYRRGWRAIAKALDIDEEDVPAIEVRAVKRNPLQPALYRILVRYGRVDLMPVTVD
EVPPEMAGEFERLIERYDVPIDEKEERILEILRENPWTPHDEIARRLGLSVSEVEGEKDPESSGIYSLWSRVVVNIEYDE
RTAKRHVKRRDRLLEELYEHLEELSERYLRHPLTRRWIVEHKRDIMRRYLEQRIVECALKLQDRYGIREDVALCLARAFD
GSISMIATTPYRTLKDVCPDLTLEEAKSVNRTLATLIDEHGLSPDAADELIEHFESIAGILATDLEEIERMYEEGRLSEE
AYRAAVEIQLAELTKKEGVGRKTAERLLRAFGNPERVKQLAREFEIEKLASVEGVGERVLRSLVPGYASLISIRGIDRER
AERLLKKYGGYSKVREAGVEELREDGLTDAQIRELKGLKTLESIVGDLEKADELKRKYGSASAVRRLPVEELRELGFSDD
EIAEIKGIPKKLREAFDLETAAELYERYGSLKEIGRRLSYDDLLELGATPKAAAEIKGPEFKFLLNIEGVGPKLAERILE
AVDYDLERLASLNPEELAEKVEGLGEELAERVVYAARERVESRRK
;
_entity_poly.pdbx_strand_id   A
#
loop_
_chem_comp.id
_chem_comp.type
_chem_comp.name
_chem_comp.formula
GOL non-polymer GLYCEROL 'C3 H8 O3'
ZN non-polymer 'ZINC ION' 'Zn 2'
#
# COMPACT_ATOMS: atom_id res chain seq x y z
N LEU A 3 21.10 -24.82 -1.29
CA LEU A 3 20.51 -23.58 -1.87
C LEU A 3 21.61 -22.65 -2.37
N VAL A 4 21.42 -22.11 -3.57
CA VAL A 4 22.45 -21.34 -4.26
C VAL A 4 22.34 -19.85 -4.00
N TYR A 5 23.42 -19.27 -3.49
CA TYR A 5 23.65 -17.82 -3.53
C TYR A 5 24.94 -17.57 -4.29
N ASP A 6 24.96 -16.51 -5.10
CA ASP A 6 26.16 -16.09 -5.82
C ASP A 6 25.94 -14.73 -6.49
N ALA A 7 27.05 -14.07 -6.82
CA ALA A 7 27.02 -12.78 -7.49
C ALA A 7 28.41 -12.50 -7.99
N GLU A 8 28.52 -11.80 -9.11
CA GLU A 8 29.82 -11.45 -9.68
C GLU A 8 29.97 -9.94 -9.86
N PHE A 9 31.15 -9.42 -9.52
CA PHE A 9 31.44 -8.01 -9.58
C PHE A 9 31.87 -7.66 -10.99
N VAL A 10 31.37 -6.54 -11.51
CA VAL A 10 31.78 -6.05 -12.84
C VAL A 10 32.29 -4.61 -12.85
N GLY A 11 32.40 -3.99 -11.67
CA GLY A 11 32.93 -2.63 -11.57
C GLY A 11 34.43 -2.59 -11.69
N SER A 12 35.00 -1.39 -11.62
CA SER A 12 36.44 -1.21 -11.62
C SER A 12 36.99 -1.59 -10.26
N GLU A 13 38.31 -1.64 -10.14
CA GLU A 13 38.94 -2.03 -8.89
C GLU A 13 38.69 -1.02 -7.77
N ARG A 14 38.64 0.27 -8.11
CA ARG A 14 38.30 1.31 -7.12
C ARG A 14 36.91 0.99 -6.57
N GLU A 15 35.95 0.83 -7.47
CA GLU A 15 34.56 0.53 -7.11
C GLU A 15 34.47 -0.71 -6.19
N PHE A 16 35.21 -1.75 -6.53
CA PHE A 16 35.32 -2.96 -5.71
C PHE A 16 35.64 -2.61 -4.25
N GLU A 17 36.65 -1.76 -4.05
CA GLU A 17 37.05 -1.40 -2.70
C GLU A 17 36.02 -0.53 -2.03
N GLU A 18 35.38 0.35 -2.80
CA GLU A 18 34.32 1.18 -2.25
C GLU A 18 33.18 0.33 -1.70
N GLU A 19 32.78 -0.67 -2.48
CA GLU A 19 31.69 -1.57 -2.11
C GLU A 19 32.06 -2.46 -0.93
N ARG A 20 33.29 -2.96 -0.92
CA ARG A 20 33.77 -3.76 0.21
C ARG A 20 33.68 -3.00 1.52
N GLU A 21 34.06 -1.73 1.50
CA GLU A 21 34.07 -0.92 2.71
C GLU A 21 32.65 -0.64 3.18
N THR A 22 31.77 -0.30 2.24
CA THR A 22 30.38 -0.05 2.57
C THR A 22 29.72 -1.29 3.17
N PHE A 23 29.88 -2.41 2.49
CA PHE A 23 29.27 -3.65 2.95
C PHE A 23 29.73 -3.98 4.38
N LEU A 24 31.05 -3.93 4.59
CA LEU A 24 31.64 -4.26 5.88
C LEU A 24 31.15 -3.32 6.96
N LYS A 25 30.88 -2.08 6.57
CA LYS A 25 30.28 -1.11 7.50
C LYS A 25 28.81 -1.45 7.74
N GLY A 26 28.11 -1.91 6.71
CA GLY A 26 26.77 -2.44 6.91
C GLY A 26 26.77 -3.60 7.89
N VAL A 27 27.74 -4.51 7.74
CA VAL A 27 27.84 -5.64 8.66
C VAL A 27 28.05 -5.14 10.10
N LYS A 28 28.99 -4.22 10.28
CA LYS A 28 29.27 -3.64 11.59
C LYS A 28 27.99 -3.02 12.18
N ALA A 29 27.22 -2.33 11.33
CA ALA A 29 25.96 -1.73 11.75
C ALA A 29 24.95 -2.80 12.14
N TYR A 30 24.82 -3.83 11.31
CA TYR A 30 23.91 -4.93 11.61
C TYR A 30 24.34 -5.73 12.86
N ASP A 31 25.65 -5.79 13.12
CA ASP A 31 26.16 -6.38 14.36
C ASP A 31 25.57 -5.70 15.62
N GLY A 32 25.42 -4.38 15.54
CA GLY A 32 24.76 -3.64 16.60
C GLY A 32 23.30 -4.00 16.77
N VAL A 33 22.61 -4.25 15.67
CA VAL A 33 21.20 -4.67 15.73
C VAL A 33 21.07 -6.00 16.47
N LEU A 34 21.93 -6.97 16.13
CA LEU A 34 21.92 -8.28 16.78
C LEU A 34 22.21 -8.15 18.26
N ALA A 35 23.25 -7.38 18.58
CA ALA A 35 23.70 -7.19 19.96
C ALA A 35 22.62 -6.55 20.82
N THR A 36 21.95 -5.54 20.29
CA THR A 36 20.89 -4.84 21.01
C THR A 36 19.64 -5.70 21.18
N ARG A 37 19.40 -6.58 20.22
CA ARG A 37 18.32 -7.56 20.31
C ARG A 37 18.65 -8.56 21.43
N TYR A 38 19.92 -8.93 21.53
CA TYR A 38 20.39 -9.80 22.60
C TYR A 38 20.14 -9.18 23.97
N LEU A 39 20.55 -7.93 24.16
CA LEU A 39 20.34 -7.26 25.44
C LEU A 39 18.86 -7.19 25.83
N MET A 40 18.02 -6.96 24.83
CA MET A 40 16.59 -6.75 25.03
C MET A 40 15.82 -7.95 25.57
N GLU A 41 16.41 -9.14 25.48
CA GLU A 41 15.75 -10.33 26.01
C GLU A 41 16.53 -10.98 27.13
N ARG A 42 17.45 -10.24 27.71
CA ARG A 42 18.13 -10.67 28.93
C ARG A 42 17.18 -10.54 30.14
N SER A 43 16.28 -9.58 30.09
CA SER A 43 15.24 -9.43 31.10
C SER A 43 14.06 -8.64 30.53
N SER A 44 12.87 -8.86 31.07
CA SER A 44 11.70 -8.09 30.69
C SER A 44 11.88 -6.61 31.04
N SER A 45 12.72 -6.32 32.02
CA SER A 45 13.13 -4.95 32.30
C SER A 45 13.89 -4.36 31.12
N ALA A 46 14.79 -5.16 30.54
CA ALA A 46 15.55 -4.78 29.34
C ALA A 46 14.64 -4.71 28.11
N LYS A 47 13.66 -5.62 28.06
CA LYS A 47 12.61 -5.58 27.04
C LYS A 47 11.99 -4.17 26.94
N ASN A 48 11.68 -3.57 28.09
CA ASN A 48 10.98 -2.27 28.16
C ASN A 48 11.89 -1.06 28.42
N ASP A 49 13.20 -1.24 28.25
CA ASP A 49 14.12 -0.11 28.32
C ASP A 49 13.98 0.66 27.01
N GLU A 50 13.42 1.85 27.09
CA GLU A 50 13.20 2.67 25.91
C GLU A 50 14.52 3.20 25.37
N GLU A 51 15.46 3.51 26.25
CA GLU A 51 16.76 4.01 25.80
C GLU A 51 17.54 2.95 25.02
N LEU A 52 17.42 1.68 25.45
CA LEU A 52 17.93 0.54 24.71
C LEU A 52 17.24 0.40 23.34
N LEU A 53 15.91 0.49 23.32
CA LEU A 53 15.14 0.46 22.07
C LEU A 53 15.56 1.56 21.10
N GLU A 54 15.82 2.76 21.62
CA GLU A 54 16.29 3.85 20.77
C GLU A 54 17.64 3.55 20.12
N LEU A 55 18.52 2.85 20.85
CA LEU A 55 19.83 2.49 20.34
C LEU A 55 19.66 1.36 19.34
N HIS A 56 18.86 0.37 19.67
CA HIS A 56 18.54 -0.70 18.71
C HIS A 56 18.11 -0.08 17.38
N GLN A 57 17.23 0.91 17.46
CA GLN A 57 16.71 1.53 16.28
C GLN A 57 17.78 2.27 15.52
N ASN A 58 18.65 2.97 16.24
CA ASN A 58 19.74 3.66 15.59
C ASN A 58 20.61 2.75 14.74
N PHE A 59 20.87 1.53 15.23
CA PHE A 59 21.61 0.54 14.43
C PHE A 59 20.82 0.16 13.18
N ILE A 60 19.50 0.01 13.32
CA ILE A 60 18.67 -0.34 12.17
C ILE A 60 18.83 0.75 11.12
N LEU A 61 18.77 2.01 11.56
CA LEU A 61 18.86 3.11 10.64
C LEU A 61 20.18 3.05 9.92
N LEU A 62 21.27 2.91 10.68
CA LEU A 62 22.59 2.98 10.06
C LEU A 62 22.81 1.82 9.10
N THR A 63 22.27 0.64 9.41
CA THR A 63 22.37 -0.50 8.48
C THR A 63 21.66 -0.16 7.18
N GLY A 64 20.50 0.50 7.29
CA GLY A 64 19.73 0.91 6.12
C GLY A 64 20.54 1.84 5.24
N SER A 65 21.10 2.89 5.86
CA SER A 65 21.88 3.88 5.15
C SER A 65 23.02 3.24 4.39
N TYR A 66 23.75 2.34 5.04
CA TYR A 66 24.87 1.67 4.37
C TYR A 66 24.38 0.77 3.22
N ALA A 67 23.26 0.10 3.45
CA ALA A 67 22.66 -0.72 2.43
C ALA A 67 22.25 0.13 1.22
N CYS A 68 21.63 1.28 1.47
CA CYS A 68 21.26 2.19 0.37
C CYS A 68 22.43 2.57 -0.52
N SER A 69 23.64 2.58 0.05
CA SER A 69 24.85 2.96 -0.69
C SER A 69 25.45 1.83 -1.52
N ILE A 70 24.96 0.60 -1.38
CA ILE A 70 25.48 -0.51 -2.18
C ILE A 70 25.13 -0.28 -3.64
N ASP A 71 26.11 -0.42 -4.52
CA ASP A 71 25.88 -0.33 -5.97
C ASP A 71 25.25 1.03 -6.33
N PRO A 72 25.91 2.13 -5.95
CA PRO A 72 25.35 3.45 -6.19
C PRO A 72 25.07 3.73 -7.66
N THR A 73 25.95 3.25 -8.54
CA THR A 73 25.78 3.45 -9.98
C THR A 73 24.94 2.36 -10.64
N GLU A 74 24.47 1.40 -9.87
CA GLU A 74 23.51 0.38 -10.34
C GLU A 74 24.04 -0.52 -11.46
N ASP A 75 25.37 -0.62 -11.56
CA ASP A 75 26.02 -1.36 -12.64
C ASP A 75 27.16 -2.28 -12.17
N ARG A 76 27.45 -2.33 -10.87
CA ARG A 76 28.68 -2.97 -10.38
C ARG A 76 28.59 -4.49 -10.20
N TYR A 77 27.38 -5.03 -10.22
CA TYR A 77 27.14 -6.47 -9.99
C TYR A 77 26.34 -7.07 -11.13
N GLN A 78 26.55 -8.35 -11.42
CA GLN A 78 25.69 -9.04 -12.38
C GLN A 78 25.60 -10.53 -12.10
N ASN A 79 24.56 -11.16 -12.65
CA ASN A 79 24.16 -12.52 -12.28
C ASN A 79 24.03 -12.72 -10.77
N VAL A 80 23.20 -11.88 -10.15
CA VAL A 80 22.92 -11.99 -8.72
C VAL A 80 21.91 -13.13 -8.47
N ILE A 81 22.40 -14.25 -7.93
CA ILE A 81 21.56 -15.40 -7.60
C ILE A 81 21.25 -15.41 -6.10
N VAL A 82 19.97 -15.36 -5.74
CA VAL A 82 19.55 -15.62 -4.37
C VAL A 82 18.68 -16.85 -4.42
N ARG A 83 18.99 -17.82 -3.57
CA ARG A 83 18.30 -19.11 -3.56
C ARG A 83 17.92 -19.58 -4.96
N GLY A 84 18.90 -19.56 -5.87
CA GLY A 84 18.72 -20.09 -7.21
C GLY A 84 18.05 -19.17 -8.21
N VAL A 85 17.37 -18.12 -7.74
CA VAL A 85 16.65 -17.20 -8.63
C VAL A 85 17.53 -16.00 -8.96
N ASN A 86 17.56 -15.65 -10.25
CA ASN A 86 18.45 -14.65 -10.82
C ASN A 86 17.78 -13.27 -10.90
N PHE A 87 18.20 -12.36 -10.04
CA PHE A 87 17.57 -11.06 -9.95
C PHE A 87 17.93 -10.07 -11.07
N ASP A 88 19.13 -10.21 -11.66
CA ASP A 88 19.52 -9.40 -12.81
C ASP A 88 18.37 -9.25 -13.76
N GLU A 89 17.89 -10.40 -14.21
CA GLU A 89 16.94 -10.46 -15.29
C GLU A 89 15.60 -9.85 -14.85
N ARG A 90 15.18 -10.15 -13.62
CA ARG A 90 13.91 -9.64 -13.10
C ARG A 90 13.90 -8.14 -12.93
N VAL A 91 14.94 -7.60 -12.31
CA VAL A 91 15.06 -6.17 -12.10
C VAL A 91 15.04 -5.41 -13.43
N GLN A 92 15.64 -5.99 -14.47
CA GLN A 92 15.63 -5.36 -15.79
C GLN A 92 14.23 -5.24 -16.38
N ARG A 93 13.32 -6.16 -16.02
CA ARG A 93 11.95 -6.15 -16.57
C ARG A 93 11.03 -5.16 -15.89
N LEU A 94 11.42 -4.70 -14.70
CA LEU A 94 10.64 -3.70 -13.97
C LEU A 94 10.71 -2.36 -14.68
N SER A 95 9.68 -1.53 -14.52
CA SER A 95 9.61 -0.30 -15.30
C SER A 95 10.67 0.69 -14.85
N THR A 96 11.01 0.65 -13.56
CA THR A 96 11.99 1.55 -12.97
C THR A 96 13.37 0.93 -12.85
N GLY A 97 13.54 -0.29 -13.38
CA GLY A 97 14.84 -0.98 -13.36
C GLY A 97 15.52 -0.96 -12.02
N GLY A 98 16.81 -0.69 -11.98
CA GLY A 98 17.51 -0.44 -10.73
C GLY A 98 18.58 -1.46 -10.44
N SER A 99 19.01 -1.51 -9.18
CA SER A 99 20.17 -2.31 -8.79
C SER A 99 19.76 -3.70 -8.42
N PRO A 100 20.28 -4.70 -9.16
CA PRO A 100 20.09 -6.07 -8.74
C PRO A 100 20.68 -6.35 -7.35
N ALA A 101 21.77 -5.66 -6.99
CA ALA A 101 22.40 -5.86 -5.68
C ALA A 101 21.48 -5.50 -4.52
N ARG A 102 20.87 -4.32 -4.58
CA ARG A 102 20.03 -3.83 -3.49
C ARG A 102 18.69 -4.55 -3.49
N TYR A 103 18.22 -4.95 -4.66
CA TYR A 103 17.02 -5.74 -4.73
C TYR A 103 17.29 -7.05 -3.99
N ALA A 104 18.49 -7.59 -4.12
CA ALA A 104 18.85 -8.86 -3.47
C ALA A 104 18.88 -8.69 -1.96
N ILE A 105 19.44 -7.57 -1.50
CA ILE A 105 19.71 -7.33 -0.09
C ILE A 105 18.42 -7.20 0.72
N VAL A 106 17.35 -6.80 0.07
CA VAL A 106 16.03 -6.67 0.70
C VAL A 106 15.39 -8.03 0.99
N TYR A 107 15.99 -9.10 0.45
CA TYR A 107 15.55 -10.44 0.77
C TYR A 107 16.37 -10.97 1.93
N ARG A 108 15.73 -11.77 2.79
CA ARG A 108 16.43 -12.43 3.88
C ARG A 108 17.59 -13.23 3.30
N ARG A 109 18.76 -13.08 3.91
CA ARG A 109 19.99 -13.73 3.47
C ARG A 109 20.42 -13.42 2.03
N GLY A 110 19.99 -12.28 1.50
CA GLY A 110 20.45 -11.83 0.18
C GLY A 110 21.92 -11.41 0.21
N TRP A 111 22.34 -10.89 1.35
CA TRP A 111 23.73 -10.56 1.58
C TRP A 111 24.68 -11.68 1.17
N ARG A 112 24.25 -12.94 1.37
CA ARG A 112 25.03 -14.11 0.97
C ARG A 112 25.53 -13.94 -0.46
N ALA A 113 24.61 -13.60 -1.34
CA ALA A 113 24.93 -13.44 -2.76
C ALA A 113 25.94 -12.31 -2.96
N ILE A 114 25.67 -11.15 -2.37
CA ILE A 114 26.49 -9.97 -2.58
C ILE A 114 27.89 -10.13 -1.95
N ALA A 115 27.96 -10.74 -0.78
CA ALA A 115 29.24 -10.99 -0.11
C ALA A 115 30.19 -11.82 -0.97
N LYS A 116 29.67 -12.75 -1.76
CA LYS A 116 30.51 -13.56 -2.66
C LYS A 116 31.17 -12.74 -3.77
N ALA A 117 30.45 -11.78 -4.32
CA ALA A 117 30.99 -10.89 -5.35
C ALA A 117 32.04 -9.94 -4.78
N LEU A 118 31.94 -9.62 -3.49
CA LEU A 118 32.89 -8.73 -2.85
C LEU A 118 33.96 -9.52 -2.07
N ASP A 119 33.91 -10.84 -2.18
CA ASP A 119 34.89 -11.76 -1.60
C ASP A 119 34.89 -11.83 -0.08
N ILE A 120 33.94 -11.16 0.57
CA ILE A 120 33.87 -11.21 2.01
C ILE A 120 33.49 -12.66 2.36
N ASP A 121 34.38 -13.33 3.08
CA ASP A 121 34.22 -14.75 3.40
C ASP A 121 32.97 -15.04 4.24
N GLU A 122 32.10 -15.91 3.72
CA GLU A 122 30.86 -16.29 4.39
C GLU A 122 31.05 -16.89 5.79
N GLU A 123 32.23 -17.45 6.07
CA GLU A 123 32.50 -18.06 7.38
C GLU A 123 32.31 -17.06 8.52
N ASP A 124 32.69 -15.80 8.30
CA ASP A 124 32.50 -14.73 9.31
C ASP A 124 31.07 -14.22 9.41
N VAL A 125 30.15 -14.84 8.66
CA VAL A 125 28.74 -14.44 8.64
C VAL A 125 28.58 -12.92 8.51
N PRO A 126 29.02 -12.33 7.39
CA PRO A 126 28.89 -10.89 7.16
C PRO A 126 27.45 -10.52 6.81
N ALA A 127 26.58 -10.64 7.80
CA ALA A 127 25.16 -10.47 7.58
C ALA A 127 24.81 -9.00 7.50
N ILE A 128 24.03 -8.65 6.48
CA ILE A 128 23.28 -7.39 6.48
C ILE A 128 21.85 -7.76 6.20
N GLU A 129 20.97 -7.39 7.11
CA GLU A 129 19.54 -7.61 6.95
C GLU A 129 18.86 -6.28 7.17
N VAL A 130 17.86 -6.02 6.34
CA VAL A 130 17.16 -4.75 6.41
C VAL A 130 15.66 -4.98 6.34
N ARG A 131 15.18 -5.92 7.13
CA ARG A 131 13.76 -6.30 7.18
C ARG A 131 13.10 -6.18 8.56
N ALA A 132 13.68 -5.43 9.48
CA ALA A 132 13.11 -5.22 10.80
C ALA A 132 11.67 -4.75 10.65
N VAL A 133 10.77 -5.31 11.45
CA VAL A 133 9.35 -4.90 11.43
C VAL A 133 8.96 -4.26 12.79
N LYS A 134 8.66 -5.07 13.79
CA LYS A 134 8.06 -4.54 15.02
C LYS A 134 8.86 -3.37 15.62
N ARG A 135 10.19 -3.43 15.59
CA ARG A 135 11.03 -2.40 16.23
C ARG A 135 11.63 -1.37 15.29
N ASN A 136 11.23 -1.40 14.02
CA ASN A 136 11.74 -0.47 13.03
C ASN A 136 11.23 0.94 13.30
N PRO A 137 12.13 1.95 13.32
CA PRO A 137 11.67 3.31 13.57
C PRO A 137 10.98 3.96 12.37
N LEU A 138 11.09 3.34 11.19
CA LEU A 138 10.30 3.73 10.02
C LEU A 138 9.27 2.67 9.70
N GLN A 139 8.21 3.07 9.02
CA GLN A 139 7.22 2.15 8.51
C GLN A 139 8.01 1.06 7.76
N PRO A 140 7.86 -0.21 8.17
CA PRO A 140 8.75 -1.25 7.66
C PRO A 140 8.86 -1.36 6.15
N ALA A 141 7.75 -1.35 5.43
CA ALA A 141 7.79 -1.48 3.97
C ALA A 141 8.52 -0.29 3.35
N LEU A 142 8.31 0.89 3.90
CA LEU A 142 9.01 2.08 3.41
C LEU A 142 10.52 1.90 3.52
N TYR A 143 10.95 1.43 4.70
CA TYR A 143 12.36 1.18 4.99
C TYR A 143 12.95 0.34 3.89
N ARG A 144 12.25 -0.73 3.54
CA ARG A 144 12.73 -1.69 2.56
C ARG A 144 12.80 -1.06 1.17
N ILE A 145 11.80 -0.27 0.82
CA ILE A 145 11.75 0.33 -0.51
C ILE A 145 12.83 1.40 -0.68
N LEU A 146 13.05 2.20 0.36
CA LEU A 146 14.15 3.12 0.38
C LEU A 146 15.44 2.37 0.10
N VAL A 147 15.66 1.24 0.76
CA VAL A 147 16.88 0.47 0.51
C VAL A 147 16.94 0.03 -0.96
N ARG A 148 15.86 -0.56 -1.48
CA ARG A 148 15.93 -1.03 -2.87
C ARG A 148 16.25 0.13 -3.82
N TYR A 149 15.72 1.31 -3.54
CA TYR A 149 15.93 2.46 -4.43
C TYR A 149 17.19 3.28 -4.08
N GLY A 150 18.01 2.74 -3.20
CA GLY A 150 19.28 3.36 -2.85
C GLY A 150 19.17 4.78 -2.34
N ARG A 151 18.26 5.02 -1.41
CA ARG A 151 17.94 6.38 -0.98
C ARG A 151 18.69 6.79 0.29
N VAL A 152 20.00 6.92 0.13
CA VAL A 152 20.91 7.38 1.17
C VAL A 152 20.41 8.69 1.74
N ASP A 153 19.90 9.52 0.84
CA ASP A 153 19.34 10.82 1.21
C ASP A 153 18.12 10.72 2.13
N LEU A 154 17.15 9.89 1.77
CA LEU A 154 15.91 9.83 2.54
C LEU A 154 16.07 9.00 3.82
N MET A 155 16.99 8.02 3.83
CA MET A 155 17.24 7.21 5.03
C MET A 155 17.82 8.09 6.14
N PRO A 156 17.05 8.29 7.23
CA PRO A 156 17.63 9.04 8.33
C PRO A 156 18.73 8.24 9.00
N VAL A 157 19.74 8.93 9.51
CA VAL A 157 20.85 8.29 10.23
C VAL A 157 20.72 8.45 11.76
N THR A 158 19.53 8.78 12.25
CA THR A 158 19.28 9.10 13.67
C THR A 158 17.80 8.95 14.02
N VAL A 159 17.50 8.29 15.13
CA VAL A 159 16.11 8.08 15.55
C VAL A 159 15.41 9.39 15.87
N ASP A 160 16.18 10.39 16.31
CA ASP A 160 15.71 11.76 16.41
C ASP A 160 15.28 12.28 15.04
N GLU A 161 16.07 12.02 14.01
CA GLU A 161 15.84 12.60 12.68
C GLU A 161 14.61 12.02 11.98
N VAL A 162 14.04 10.93 12.50
CA VAL A 162 12.94 10.23 11.82
C VAL A 162 11.64 11.02 11.91
N PRO A 163 11.14 11.54 10.77
CA PRO A 163 9.91 12.32 10.82
C PRO A 163 8.67 11.44 10.94
N PRO A 164 7.62 11.95 11.62
CA PRO A 164 6.38 11.18 11.68
C PRO A 164 5.91 10.67 10.33
N GLU A 165 6.01 11.52 9.31
CA GLU A 165 5.54 11.17 7.96
C GLU A 165 6.24 9.95 7.33
N MET A 166 7.33 9.48 7.96
CA MET A 166 8.02 8.26 7.54
C MET A 166 7.78 7.14 8.52
N ALA A 167 6.87 7.34 9.47
CA ALA A 167 6.67 6.41 10.59
C ALA A 167 5.21 6.44 11.09
N GLY A 168 4.98 6.99 12.28
CA GLY A 168 3.64 6.97 12.87
C GLY A 168 2.54 7.59 12.03
N GLU A 169 2.88 8.61 11.26
CA GLU A 169 1.90 9.31 10.42
C GLU A 169 2.33 9.18 8.97
N PHE A 170 2.66 7.95 8.57
CA PHE A 170 3.28 7.67 7.28
C PHE A 170 2.43 8.13 6.10
N GLU A 171 1.12 8.05 6.27
CA GLU A 171 0.16 8.36 5.22
C GLU A 171 0.28 9.79 4.68
N ARG A 172 0.76 10.68 5.53
CA ARG A 172 1.02 12.05 5.14
C ARG A 172 1.97 12.07 3.94
N LEU A 173 2.99 11.23 3.98
CA LEU A 173 3.97 11.18 2.90
C LEU A 173 3.30 10.72 1.61
N ILE A 174 2.38 9.76 1.74
CA ILE A 174 1.65 9.25 0.59
C ILE A 174 0.82 10.36 -0.07
N GLU A 175 0.11 11.16 0.73
CA GLU A 175 -0.75 12.24 0.20
C GLU A 175 0.02 13.35 -0.49
N ARG A 176 1.25 13.59 -0.04
CA ARG A 176 2.09 14.65 -0.59
C ARG A 176 2.49 14.45 -2.04
N TYR A 177 2.35 13.24 -2.58
CA TYR A 177 2.81 12.98 -3.95
C TYR A 177 1.73 12.50 -4.94
N ASP A 178 0.46 12.61 -4.57
CA ASP A 178 -0.66 12.39 -5.50
C ASP A 178 -0.46 11.15 -6.37
N VAL A 179 -0.23 10.04 -5.69
CA VAL A 179 -0.06 8.75 -6.31
C VAL A 179 -1.41 8.07 -6.37
N PRO A 180 -1.71 7.34 -7.46
CA PRO A 180 -2.97 6.59 -7.52
C PRO A 180 -2.93 5.30 -6.68
N ILE A 181 -3.85 5.17 -5.74
CA ILE A 181 -3.94 3.98 -4.89
C ILE A 181 -5.08 3.10 -5.35
N ASP A 182 -4.82 1.82 -5.59
CA ASP A 182 -5.88 0.90 -6.02
C ASP A 182 -6.63 0.34 -4.81
N GLU A 183 -7.61 -0.51 -5.08
CA GLU A 183 -8.57 -0.91 -4.03
C GLU A 183 -7.91 -1.89 -3.05
N LYS A 184 -6.94 -2.67 -3.53
CA LYS A 184 -6.22 -3.59 -2.64
C LYS A 184 -5.43 -2.79 -1.63
N GLU A 185 -4.79 -1.73 -2.12
CA GLU A 185 -3.91 -0.91 -1.34
C GLU A 185 -4.66 -0.06 -0.32
N GLU A 186 -5.78 0.51 -0.76
CA GLU A 186 -6.62 1.27 0.15
C GLU A 186 -7.07 0.37 1.31
N ARG A 187 -7.30 -0.92 1.00
CA ARG A 187 -7.61 -1.93 2.01
C ARG A 187 -6.44 -2.19 2.95
N ILE A 188 -5.23 -2.22 2.39
CA ILE A 188 -4.02 -2.43 3.17
C ILE A 188 -3.73 -1.24 4.08
N LEU A 189 -3.89 -0.03 3.54
CA LEU A 189 -3.72 1.19 4.33
C LEU A 189 -4.63 1.22 5.57
N GLU A 190 -5.86 0.76 5.41
CA GLU A 190 -6.81 0.75 6.53
C GLU A 190 -6.28 -0.01 7.75
N ILE A 191 -5.39 -0.97 7.53
CA ILE A 191 -4.78 -1.70 8.64
C ILE A 191 -3.52 -0.98 9.13
N LEU A 192 -2.74 -0.46 8.19
CA LEU A 192 -1.53 0.25 8.53
C LEU A 192 -1.86 1.55 9.28
N ARG A 193 -3.01 2.14 8.95
CA ARG A 193 -3.52 3.27 9.72
C ARG A 193 -3.75 2.92 11.19
N GLU A 194 -4.35 1.76 11.46
CA GLU A 194 -4.47 1.26 12.84
C GLU A 194 -3.10 1.04 13.50
N ASN A 195 -2.14 0.52 12.73
CA ASN A 195 -0.82 0.21 13.25
C ASN A 195 0.18 0.02 12.11
N PRO A 196 1.04 1.04 11.88
CA PRO A 196 1.96 0.97 10.75
C PRO A 196 2.99 -0.16 10.85
N TRP A 197 3.11 -0.78 12.02
CA TRP A 197 4.06 -1.86 12.25
C TRP A 197 3.40 -3.25 12.30
N THR A 198 2.16 -3.34 11.81
CA THR A 198 1.51 -4.62 11.57
C THR A 198 2.38 -5.43 10.61
N PRO A 199 2.76 -6.67 10.99
CA PRO A 199 3.54 -7.55 10.11
C PRO A 199 2.77 -8.00 8.88
N HIS A 200 3.47 -8.23 7.79
CA HIS A 200 2.82 -8.48 6.51
C HIS A 200 1.91 -9.69 6.48
N ASP A 201 2.30 -10.78 7.14
CA ASP A 201 1.45 -11.99 7.18
C ASP A 201 0.16 -11.75 7.93
N GLU A 202 0.20 -10.84 8.90
CA GLU A 202 -1.03 -10.35 9.54
C GLU A 202 -1.87 -9.55 8.55
N ILE A 203 -1.25 -8.59 7.85
CA ILE A 203 -2.00 -7.81 6.84
C ILE A 203 -2.67 -8.74 5.81
N ALA A 204 -1.96 -9.80 5.43
CA ALA A 204 -2.43 -10.75 4.44
C ALA A 204 -3.54 -11.63 5.00
N ARG A 205 -3.40 -12.04 6.26
CA ARG A 205 -4.38 -12.89 6.89
C ARG A 205 -5.75 -12.20 7.03
N ARG A 206 -5.73 -10.91 7.35
CA ARG A 206 -6.98 -10.17 7.57
C ARG A 206 -7.64 -9.84 6.23
N LEU A 207 -6.84 -9.42 5.26
CA LEU A 207 -7.37 -9.12 3.92
C LEU A 207 -7.75 -10.38 3.14
N GLY A 208 -7.39 -11.55 3.67
CA GLY A 208 -7.65 -12.81 3.00
C GLY A 208 -6.80 -12.92 1.75
N LEU A 209 -5.51 -12.64 1.90
CA LEU A 209 -4.55 -12.63 0.79
C LEU A 209 -3.25 -13.32 1.21
N SER A 210 -2.45 -13.70 0.21
CA SER A 210 -1.09 -14.15 0.49
C SER A 210 -0.19 -12.94 0.74
N VAL A 211 0.94 -13.17 1.39
CA VAL A 211 1.88 -12.09 1.66
C VAL A 211 2.30 -11.49 0.33
N SER A 212 2.56 -12.32 -0.67
CA SER A 212 2.95 -11.82 -1.99
C SER A 212 1.95 -10.82 -2.55
N GLU A 213 0.67 -11.07 -2.35
CA GLU A 213 -0.36 -10.16 -2.83
C GLU A 213 -0.33 -8.85 -2.04
N VAL A 214 -0.21 -8.95 -0.72
CA VAL A 214 -0.11 -7.77 0.12
C VAL A 214 1.07 -6.89 -0.29
N GLU A 215 2.21 -7.52 -0.58
CA GLU A 215 3.45 -6.79 -0.87
C GLU A 215 3.47 -6.22 -2.28
N GLY A 216 3.22 -7.08 -3.25
CA GLY A 216 3.41 -6.73 -4.65
C GLY A 216 4.88 -6.71 -5.02
N GLU A 217 5.14 -6.35 -6.27
CA GLU A 217 6.50 -6.16 -6.74
C GLU A 217 7.03 -4.79 -6.29
N LYS A 218 8.34 -4.68 -6.13
CA LYS A 218 8.98 -3.46 -5.64
C LYS A 218 9.15 -2.46 -6.77
N ASP A 219 8.03 -2.03 -7.34
CA ASP A 219 8.02 -1.17 -8.52
C ASP A 219 6.68 -0.44 -8.61
N PRO A 220 6.67 0.83 -9.07
CA PRO A 220 5.43 1.58 -9.24
C PRO A 220 4.29 0.82 -9.92
N GLU A 221 4.59 0.09 -10.99
CA GLU A 221 3.58 -0.60 -11.77
C GLU A 221 3.37 -2.02 -11.25
N SER A 222 2.93 -2.11 -10.00
CA SER A 222 2.42 -3.34 -9.43
C SER A 222 1.25 -2.95 -8.51
N SER A 223 0.88 -3.84 -7.61
CA SER A 223 -0.14 -3.56 -6.60
C SER A 223 0.27 -4.16 -5.28
N GLY A 224 0.24 -3.35 -4.23
CA GLY A 224 0.68 -3.79 -2.89
C GLY A 224 1.49 -2.72 -2.17
N ILE A 225 1.84 -2.98 -0.91
CA ILE A 225 2.48 -1.96 -0.10
C ILE A 225 3.88 -1.57 -0.61
N TYR A 226 4.59 -2.51 -1.24
CA TYR A 226 5.88 -2.21 -1.86
C TYR A 226 5.66 -1.38 -3.10
N SER A 227 4.72 -1.78 -3.94
CA SER A 227 4.42 -1.03 -5.15
C SER A 227 4.01 0.39 -4.78
N LEU A 228 3.16 0.51 -3.77
CA LEU A 228 2.68 1.82 -3.36
C LEU A 228 3.85 2.71 -2.96
N TRP A 229 4.65 2.23 -2.02
CA TRP A 229 5.82 3.00 -1.60
C TRP A 229 6.77 3.32 -2.74
N SER A 230 6.92 2.42 -3.71
CA SER A 230 7.78 2.70 -4.87
C SER A 230 7.21 3.83 -5.71
N ARG A 231 5.89 3.78 -5.88
CA ARG A 231 5.14 4.81 -6.59
C ARG A 231 5.41 6.20 -5.98
N VAL A 232 5.41 6.26 -4.65
CA VAL A 232 5.70 7.49 -3.94
C VAL A 232 7.18 7.81 -4.04
N VAL A 233 8.03 6.88 -3.63
CA VAL A 233 9.46 7.15 -3.47
C VAL A 233 10.11 7.62 -4.76
N VAL A 234 9.78 7.00 -5.89
CA VAL A 234 10.38 7.40 -7.16
C VAL A 234 10.05 8.85 -7.51
N ASN A 235 8.89 9.32 -7.05
CA ASN A 235 8.48 10.72 -7.29
C ASN A 235 9.06 11.72 -6.29
N ILE A 236 9.99 11.27 -5.44
CA ILE A 236 10.69 12.18 -4.51
C ILE A 236 12.05 12.50 -5.11
N GLU A 237 12.31 13.79 -5.32
CA GLU A 237 13.59 14.26 -5.87
C GLU A 237 14.74 13.76 -5.02
N TYR A 238 15.78 13.25 -5.68
CA TYR A 238 16.98 12.84 -4.97
C TYR A 238 17.62 14.10 -4.41
N ASP A 239 17.78 14.11 -3.10
CA ASP A 239 18.35 15.24 -2.38
C ASP A 239 19.85 15.00 -2.23
N GLU A 240 20.58 15.18 -3.32
CA GLU A 240 22.04 14.93 -3.36
C GLU A 240 22.77 15.59 -2.18
N ARG A 241 22.27 16.74 -1.72
CA ARG A 241 22.89 17.44 -0.59
C ARG A 241 22.81 16.58 0.68
N THR A 242 21.59 16.22 1.09
CA THR A 242 21.39 15.45 2.33
C THR A 242 22.07 14.07 2.29
N ALA A 243 22.15 13.47 1.10
CA ALA A 243 22.92 12.24 0.91
C ALA A 243 24.39 12.43 1.34
N LYS A 244 24.93 13.60 1.05
CA LYS A 244 26.29 13.94 1.49
C LYS A 244 26.38 14.03 3.02
N ARG A 245 25.48 14.77 3.66
CA ARG A 245 25.48 14.87 5.13
C ARG A 245 25.50 13.49 5.75
N HIS A 246 24.61 12.62 5.26
CA HIS A 246 24.44 11.29 5.82
C HIS A 246 25.68 10.38 5.67
N VAL A 247 26.37 10.46 4.53
CA VAL A 247 27.62 9.69 4.36
C VAL A 247 28.74 10.24 5.25
N LYS A 248 28.90 11.57 5.25
CA LYS A 248 29.87 12.23 6.12
C LYS A 248 29.72 11.84 7.60
N ARG A 249 28.49 11.85 8.10
CA ARG A 249 28.23 11.69 9.53
C ARG A 249 28.19 10.26 10.06
N ARG A 250 27.78 9.31 9.24
CA ARG A 250 27.38 7.98 9.74
C ARG A 250 28.50 7.13 10.34
N ASP A 251 29.71 7.18 9.78
CA ASP A 251 30.79 6.36 10.33
C ASP A 251 31.09 6.74 11.77
N ARG A 252 31.22 8.03 12.08
CA ARG A 252 31.44 8.42 13.49
C ARG A 252 30.21 8.17 14.35
N LEU A 253 29.02 8.30 13.78
CA LEU A 253 27.80 7.96 14.53
C LEU A 253 27.80 6.49 14.95
N LEU A 254 28.45 5.66 14.14
CA LEU A 254 28.50 4.23 14.41
C LEU A 254 29.42 3.97 15.59
N GLU A 255 30.61 4.57 15.57
CA GLU A 255 31.49 4.53 16.70
C GLU A 255 30.67 4.91 17.94
N GLU A 256 30.01 6.06 17.87
CA GLU A 256 29.26 6.58 19.00
C GLU A 256 28.15 5.64 19.47
N LEU A 257 27.51 4.94 18.53
CA LEU A 257 26.50 3.95 18.89
C LEU A 257 27.14 2.80 19.67
N TYR A 258 28.29 2.32 19.17
CA TYR A 258 29.04 1.28 19.89
C TYR A 258 29.49 1.73 21.26
N GLU A 259 29.88 3.01 21.38
CA GLU A 259 30.24 3.59 22.67
C GLU A 259 29.02 3.59 23.63
N HIS A 260 27.85 3.93 23.09
CA HIS A 260 26.64 3.96 23.89
C HIS A 260 26.19 2.54 24.29
N LEU A 261 26.49 1.56 23.44
CA LEU A 261 26.16 0.15 23.73
C LEU A 261 26.90 -0.40 24.96
N GLU A 262 28.17 -0.04 25.10
CA GLU A 262 28.91 -0.36 26.32
C GLU A 262 28.18 0.23 27.51
N GLU A 263 27.98 1.55 27.48
CA GLU A 263 27.36 2.23 28.61
C GLU A 263 26.07 1.54 29.05
N LEU A 264 25.14 1.36 28.12
CA LEU A 264 23.84 0.77 28.46
C LEU A 264 23.97 -0.66 28.96
N SER A 265 24.75 -1.48 28.26
CA SER A 265 24.88 -2.91 28.58
C SER A 265 25.18 -3.17 30.05
N GLU A 266 25.86 -2.22 30.69
CA GLU A 266 26.13 -2.29 32.13
C GLU A 266 24.89 -2.16 33.02
N ARG A 267 23.71 -2.00 32.43
CA ARG A 267 22.46 -2.08 33.19
C ARG A 267 22.05 -3.53 33.41
N TYR A 268 22.42 -4.40 32.48
CA TYR A 268 21.89 -5.77 32.44
C TYR A 268 22.96 -6.86 32.44
N LEU A 269 24.23 -6.49 32.37
CA LEU A 269 25.33 -7.46 32.32
C LEU A 269 26.47 -7.08 33.24
N ARG A 270 27.20 -8.07 33.73
CA ARG A 270 28.35 -7.84 34.60
C ARG A 270 29.45 -7.15 33.79
N HIS A 271 29.71 -7.67 32.59
CA HIS A 271 30.75 -7.13 31.72
C HIS A 271 30.18 -6.44 30.48
N PRO A 272 30.72 -5.26 30.10
CA PRO A 272 30.18 -4.50 28.98
C PRO A 272 30.05 -5.28 27.69
N LEU A 273 29.16 -4.83 26.83
CA LEU A 273 29.03 -5.42 25.52
C LEU A 273 29.83 -4.56 24.55
N THR A 274 30.98 -5.09 24.15
CA THR A 274 31.93 -4.34 23.32
C THR A 274 32.05 -4.94 21.93
N ARG A 275 32.56 -4.13 21.01
CA ARG A 275 32.82 -4.56 19.64
C ARG A 275 33.47 -5.95 19.55
N ARG A 276 34.44 -6.22 20.42
CA ARG A 276 35.09 -7.55 20.48
C ARG A 276 34.12 -8.66 20.87
N TRP A 277 33.23 -8.35 21.83
CA TRP A 277 32.28 -9.33 22.33
C TRP A 277 31.32 -9.75 21.23
N ILE A 278 30.73 -8.76 20.55
CA ILE A 278 29.80 -9.05 19.46
C ILE A 278 30.52 -9.76 18.32
N VAL A 279 31.74 -9.32 18.00
CA VAL A 279 32.52 -10.00 16.96
C VAL A 279 32.72 -11.49 17.31
N GLU A 280 32.80 -11.82 18.59
CA GLU A 280 32.96 -13.20 19.03
C GLU A 280 31.65 -14.00 19.07
N HIS A 281 30.56 -13.36 19.49
CA HIS A 281 29.31 -14.07 19.77
C HIS A 281 28.27 -13.99 18.65
N LYS A 282 28.38 -12.97 17.81
CA LYS A 282 27.64 -12.86 16.56
C LYS A 282 27.13 -14.20 16.03
N ARG A 283 28.02 -15.07 15.57
CA ARG A 283 27.63 -16.36 15.00
C ARG A 283 26.75 -17.16 15.97
N ASP A 284 27.16 -17.21 17.22
CA ASP A 284 26.44 -17.96 18.26
C ASP A 284 25.06 -17.35 18.55
N ILE A 285 25.00 -16.02 18.65
CA ILE A 285 23.75 -15.32 18.85
C ILE A 285 22.80 -15.64 17.73
N MET A 286 23.28 -15.56 16.49
CA MET A 286 22.48 -15.82 15.28
C MET A 286 22.02 -17.28 15.16
N ARG A 287 22.91 -18.20 15.49
CA ARG A 287 22.58 -19.61 15.45
C ARG A 287 21.46 -19.94 16.44
N ARG A 288 21.44 -19.23 17.57
CA ARG A 288 20.41 -19.45 18.58
C ARG A 288 19.06 -18.88 18.17
N TYR A 289 19.05 -17.68 17.56
CA TYR A 289 17.79 -17.08 17.12
C TYR A 289 17.16 -17.90 16.01
N LEU A 290 18.00 -18.35 15.07
CA LEU A 290 17.56 -19.27 14.03
C LEU A 290 16.88 -20.47 14.67
N GLU A 291 17.41 -20.92 15.79
CA GLU A 291 16.91 -22.14 16.41
C GLU A 291 15.49 -21.99 16.95
N GLN A 292 15.23 -20.94 17.72
CA GLN A 292 13.89 -20.73 18.27
C GLN A 292 12.89 -20.23 17.20
N ARG A 293 13.42 -19.77 16.05
CA ARG A 293 12.58 -19.45 14.90
C ARG A 293 12.19 -20.71 14.13
N ILE A 294 13.02 -21.75 14.20
CA ILE A 294 12.66 -23.05 13.62
C ILE A 294 11.52 -23.68 14.42
N VAL A 295 11.60 -23.58 15.75
CA VAL A 295 10.52 -23.98 16.63
C VAL A 295 9.22 -23.25 16.29
N GLU A 296 9.21 -21.92 16.47
CA GLU A 296 8.02 -21.13 16.25
C GLU A 296 7.42 -21.37 14.87
N CYS A 297 8.27 -21.46 13.86
CA CYS A 297 7.83 -21.58 12.48
C CYS A 297 7.34 -22.99 12.15
N ALA A 298 8.12 -23.99 12.56
CA ALA A 298 7.70 -25.38 12.35
C ALA A 298 6.42 -25.71 13.13
N LEU A 299 6.19 -24.99 14.21
CA LEU A 299 4.95 -25.10 14.98
C LEU A 299 3.77 -24.53 14.18
N LYS A 300 4.03 -23.45 13.44
CA LYS A 300 3.00 -22.81 12.61
C LYS A 300 2.71 -23.60 11.34
N LEU A 301 3.73 -24.25 10.80
CA LEU A 301 3.55 -25.07 9.60
C LEU A 301 2.57 -26.23 9.84
N GLN A 302 2.39 -26.61 11.10
CA GLN A 302 1.43 -27.65 11.48
C GLN A 302 0.06 -27.04 11.81
N ASP A 303 0.02 -26.04 12.68
CA ASP A 303 -1.24 -25.42 13.12
C ASP A 303 -2.02 -24.78 11.97
N ARG A 304 -1.33 -24.03 11.13
CA ARG A 304 -1.99 -23.24 10.09
C ARG A 304 -2.10 -24.00 8.77
N TYR A 305 -1.06 -24.75 8.43
CA TYR A 305 -0.95 -25.40 7.12
C TYR A 305 -1.09 -26.92 7.19
N GLY A 306 -0.61 -27.53 8.28
CA GLY A 306 -0.81 -28.96 8.48
C GLY A 306 0.16 -29.82 7.70
N ILE A 307 1.45 -29.50 7.82
CA ILE A 307 2.51 -30.36 7.30
C ILE A 307 2.92 -31.33 8.39
N ARG A 308 3.08 -32.60 8.03
CA ARG A 308 3.55 -33.64 8.95
C ARG A 308 4.77 -33.11 9.72
N GLU A 309 4.84 -33.40 11.01
CA GLU A 309 5.79 -32.72 11.91
C GLU A 309 7.24 -32.76 11.45
N ASP A 310 7.72 -33.94 11.04
CA ASP A 310 9.14 -34.10 10.67
C ASP A 310 9.52 -33.33 9.38
N VAL A 311 8.59 -33.22 8.43
CA VAL A 311 8.79 -32.39 7.24
C VAL A 311 8.76 -30.90 7.60
N ALA A 312 7.82 -30.49 8.46
CA ALA A 312 7.69 -29.07 8.85
C ALA A 312 8.97 -28.52 9.47
N LEU A 313 9.68 -29.33 10.23
CA LEU A 313 10.97 -28.93 10.81
C LEU A 313 12.05 -28.89 9.73
N CYS A 314 12.02 -29.84 8.79
CA CYS A 314 13.00 -29.86 7.71
C CYS A 314 13.02 -28.52 6.98
N LEU A 315 11.83 -28.08 6.56
CA LEU A 315 11.67 -26.82 5.86
C LEU A 315 12.12 -25.68 6.75
N ALA A 316 11.56 -25.63 7.95
CA ALA A 316 11.97 -24.67 8.98
C ALA A 316 13.50 -24.46 9.01
N ARG A 317 14.27 -25.54 9.03
CA ARG A 317 15.74 -25.42 9.07
C ARG A 317 16.28 -24.95 7.74
N ALA A 318 15.83 -25.59 6.66
CA ALA A 318 16.32 -25.31 5.32
C ALA A 318 16.15 -23.85 4.92
N PHE A 319 15.07 -23.22 5.38
CA PHE A 319 14.75 -21.85 4.99
C PHE A 319 14.72 -20.87 6.16
N ASP A 320 15.71 -21.00 7.03
CA ASP A 320 16.06 -19.96 8.00
C ASP A 320 14.90 -19.48 8.89
N GLY A 321 13.89 -20.33 9.05
CA GLY A 321 12.70 -20.03 9.86
C GLY A 321 11.77 -18.95 9.32
N SER A 322 11.62 -18.88 7.98
CA SER A 322 10.82 -17.82 7.36
C SER A 322 9.74 -18.36 6.42
N ILE A 323 8.48 -18.27 6.82
CA ILE A 323 7.37 -18.69 5.95
C ILE A 323 7.31 -17.82 4.69
N SER A 324 7.66 -16.54 4.80
CA SER A 324 7.76 -15.68 3.61
C SER A 324 8.70 -16.31 2.59
N MET A 325 9.91 -16.65 3.06
CA MET A 325 10.93 -17.35 2.26
C MET A 325 10.38 -18.64 1.66
N ILE A 326 9.92 -19.54 2.52
CA ILE A 326 9.36 -20.82 2.09
C ILE A 326 8.24 -20.58 1.08
N ALA A 327 7.31 -19.70 1.44
CA ALA A 327 6.12 -19.39 0.62
C ALA A 327 6.42 -18.88 -0.80
N THR A 328 7.61 -18.34 -1.03
CA THR A 328 8.00 -17.87 -2.35
C THR A 328 9.04 -18.80 -3.00
N THR A 329 9.26 -19.99 -2.43
CA THR A 329 10.19 -20.96 -3.00
C THR A 329 9.45 -21.93 -3.90
N PRO A 330 10.01 -22.24 -5.08
CA PRO A 330 9.38 -23.23 -5.93
C PRO A 330 9.39 -24.66 -5.35
N TYR A 331 8.50 -25.49 -5.87
CA TYR A 331 8.32 -26.87 -5.45
C TYR A 331 9.58 -27.72 -5.63
N ARG A 332 10.25 -27.53 -6.77
CA ARG A 332 11.46 -28.29 -7.08
C ARG A 332 12.55 -28.03 -6.06
N THR A 333 12.73 -26.76 -5.70
CA THR A 333 13.68 -26.37 -4.67
C THR A 333 13.23 -26.85 -3.28
N LEU A 334 11.93 -26.79 -3.02
CA LEU A 334 11.39 -27.25 -1.72
C LEU A 334 11.62 -28.74 -1.50
N LYS A 335 11.40 -29.53 -2.55
CA LYS A 335 11.64 -30.98 -2.49
C LYS A 335 13.12 -31.33 -2.52
N ASP A 336 13.95 -30.45 -3.09
CA ASP A 336 15.39 -30.68 -3.13
C ASP A 336 15.98 -30.77 -1.72
N VAL A 337 15.46 -29.96 -0.81
CA VAL A 337 15.96 -29.90 0.57
C VAL A 337 15.09 -30.69 1.58
N CYS A 338 13.82 -30.95 1.21
CA CYS A 338 12.92 -31.78 2.01
C CYS A 338 12.18 -32.74 1.10
N PRO A 339 12.83 -33.86 0.70
CA PRO A 339 12.23 -34.75 -0.30
C PRO A 339 11.06 -35.59 0.22
N ASP A 340 10.75 -35.45 1.49
CA ASP A 340 9.60 -36.12 2.09
C ASP A 340 8.29 -35.36 1.79
N LEU A 341 8.42 -34.07 1.48
CA LEU A 341 7.28 -33.16 1.27
C LEU A 341 6.36 -33.59 0.13
N THR A 342 5.06 -33.29 0.29
CA THR A 342 4.06 -33.58 -0.74
C THR A 342 3.52 -32.29 -1.34
N LEU A 343 2.91 -32.40 -2.51
CA LEU A 343 2.51 -31.23 -3.31
C LEU A 343 1.35 -30.45 -2.69
N GLU A 344 0.43 -31.15 -2.01
CA GLU A 344 -0.67 -30.45 -1.35
C GLU A 344 -0.12 -29.68 -0.16
N GLU A 345 0.97 -30.18 0.44
CA GLU A 345 1.66 -29.48 1.52
C GLU A 345 2.38 -28.25 0.98
N ALA A 346 3.08 -28.39 -0.15
CA ALA A 346 3.75 -27.25 -0.83
C ALA A 346 2.75 -26.17 -1.21
N LYS A 347 1.65 -26.59 -1.83
CA LYS A 347 0.55 -25.70 -2.20
C LYS A 347 -0.12 -25.01 -1.01
N SER A 348 0.06 -25.56 0.19
CA SER A 348 -0.57 -25.00 1.39
C SER A 348 0.16 -23.74 1.85
N VAL A 349 1.49 -23.82 1.85
CA VAL A 349 2.33 -22.70 2.25
C VAL A 349 2.67 -21.76 1.08
N ASN A 350 2.93 -22.30 -0.10
CA ASN A 350 3.18 -21.44 -1.26
C ASN A 350 1.89 -21.21 -2.02
N ARG A 351 1.23 -20.10 -1.70
CA ARG A 351 -0.05 -19.74 -2.30
C ARG A 351 0.06 -19.49 -3.80
N THR A 352 1.18 -18.91 -4.23
CA THR A 352 1.40 -18.66 -5.66
C THR A 352 1.41 -19.97 -6.43
N LEU A 353 2.17 -20.94 -5.94
CA LEU A 353 2.18 -22.30 -6.50
C LEU A 353 0.78 -22.89 -6.52
N ALA A 354 0.05 -22.70 -5.43
CA ALA A 354 -1.33 -23.18 -5.31
C ALA A 354 -2.23 -22.60 -6.40
N THR A 355 -2.26 -21.28 -6.52
CA THR A 355 -3.09 -20.60 -7.54
C THR A 355 -2.72 -21.09 -8.94
N LEU A 356 -1.43 -21.09 -9.24
CA LEU A 356 -0.97 -21.44 -10.56
C LEU A 356 -1.38 -22.87 -10.95
N ILE A 357 -1.37 -23.78 -9.99
CA ILE A 357 -1.78 -25.16 -10.27
C ILE A 357 -3.30 -25.29 -10.36
N ASP A 358 -3.99 -24.84 -9.32
CA ASP A 358 -5.42 -25.11 -9.14
C ASP A 358 -6.36 -24.18 -9.91
N GLU A 359 -5.91 -22.96 -10.18
CA GLU A 359 -6.76 -21.94 -10.79
C GLU A 359 -6.35 -21.64 -12.23
N HIS A 360 -5.21 -22.18 -12.66
CA HIS A 360 -4.71 -22.01 -14.03
C HIS A 360 -4.22 -23.34 -14.61
N GLY A 361 -4.46 -24.45 -13.90
CA GLY A 361 -4.10 -25.78 -14.37
C GLY A 361 -2.64 -26.02 -14.75
N LEU A 362 -1.72 -25.19 -14.25
CA LEU A 362 -0.30 -25.32 -14.59
C LEU A 362 0.31 -26.57 -13.99
N SER A 363 1.33 -27.08 -14.67
CA SER A 363 2.17 -28.16 -14.13
C SER A 363 3.06 -27.61 -13.03
N PRO A 364 3.56 -28.50 -12.14
CA PRO A 364 4.45 -27.99 -11.09
C PRO A 364 5.75 -27.41 -11.65
N ASP A 365 6.33 -28.04 -12.67
CA ASP A 365 7.49 -27.51 -13.39
C ASP A 365 7.21 -26.15 -13.98
N ALA A 366 6.05 -26.01 -14.61
CA ALA A 366 5.62 -24.76 -15.24
C ALA A 366 5.36 -23.69 -14.22
N ALA A 367 4.76 -24.06 -13.09
CA ALA A 367 4.55 -23.12 -11.99
C ALA A 367 5.89 -22.70 -11.40
N ASP A 368 6.82 -23.65 -11.29
CA ASP A 368 8.16 -23.34 -10.79
C ASP A 368 8.83 -22.32 -11.68
N GLU A 369 8.69 -22.53 -12.98
CA GLU A 369 9.23 -21.66 -14.00
C GLU A 369 8.74 -20.22 -13.79
N LEU A 370 7.42 -20.05 -13.65
CA LEU A 370 6.86 -18.73 -13.41
C LEU A 370 7.26 -18.16 -12.05
N ILE A 371 7.25 -18.98 -11.00
CA ILE A 371 7.73 -18.50 -9.71
C ILE A 371 9.16 -18.00 -9.85
N GLU A 372 10.03 -18.80 -10.46
CA GLU A 372 11.45 -18.45 -10.52
C GLU A 372 11.70 -17.13 -11.23
N HIS A 373 11.02 -16.94 -12.35
CA HIS A 373 11.16 -15.70 -13.10
C HIS A 373 10.47 -14.51 -12.42
N PHE A 374 9.24 -14.71 -11.92
CA PHE A 374 8.40 -13.59 -11.46
C PHE A 374 8.03 -13.60 -9.97
N GLU A 375 8.32 -14.70 -9.29
CA GLU A 375 8.02 -14.88 -7.86
C GLU A 375 6.52 -15.06 -7.56
N SER A 376 5.69 -14.13 -8.02
CA SER A 376 4.27 -14.16 -7.71
C SER A 376 3.43 -13.73 -8.92
N ILE A 377 2.10 -13.79 -8.76
CA ILE A 377 1.17 -13.24 -9.74
C ILE A 377 1.47 -11.76 -9.95
N ALA A 378 1.63 -11.02 -8.85
CA ALA A 378 1.93 -9.60 -8.94
C ALA A 378 3.16 -9.41 -9.80
N GLY A 379 4.19 -10.23 -9.58
CA GLY A 379 5.39 -10.21 -10.42
C GLY A 379 5.12 -10.45 -11.90
N ILE A 380 4.15 -11.30 -12.23
CA ILE A 380 3.79 -11.49 -13.64
C ILE A 380 3.12 -10.23 -14.19
N LEU A 381 2.21 -9.65 -13.41
CA LEU A 381 1.43 -8.51 -13.85
C LEU A 381 2.28 -7.24 -13.90
N ALA A 382 3.41 -7.23 -13.17
CA ALA A 382 4.34 -6.09 -13.23
C ALA A 382 5.19 -6.11 -14.51
N THR A 383 5.21 -7.23 -15.22
CA THR A 383 6.04 -7.37 -16.41
C THR A 383 5.26 -7.02 -17.66
N ASP A 384 5.90 -6.28 -18.56
CA ASP A 384 5.29 -5.93 -19.83
C ASP A 384 4.96 -7.17 -20.63
N LEU A 385 3.72 -7.27 -21.12
CA LEU A 385 3.29 -8.39 -21.95
C LEU A 385 4.35 -8.76 -22.99
N GLU A 386 4.81 -7.75 -23.72
CA GLU A 386 5.74 -7.97 -24.81
C GLU A 386 7.08 -8.55 -24.36
N GLU A 387 7.47 -8.31 -23.12
CA GLU A 387 8.68 -8.93 -22.57
C GLU A 387 8.44 -10.43 -22.38
N ILE A 388 7.24 -10.78 -21.93
CA ILE A 388 6.87 -12.17 -21.75
C ILE A 388 6.86 -12.89 -23.10
N GLU A 389 6.36 -12.22 -24.13
CA GLU A 389 6.45 -12.73 -25.49
C GLU A 389 7.90 -12.95 -25.91
N ARG A 390 8.75 -11.96 -25.63
N ARG A 390 8.76 -11.96 -25.64
CA ARG A 390 10.16 -12.02 -25.99
CA ARG A 390 10.16 -12.06 -26.01
C ARG A 390 10.82 -13.24 -25.34
C ARG A 390 10.82 -13.26 -25.35
N MET A 391 10.51 -13.47 -24.07
CA MET A 391 11.06 -14.60 -23.33
C MET A 391 10.62 -15.93 -23.94
N TYR A 392 9.33 -16.01 -24.29
CA TYR A 392 8.81 -17.17 -25.01
C TYR A 392 9.57 -17.38 -26.32
N GLU A 393 9.72 -16.32 -27.12
CA GLU A 393 10.32 -16.46 -28.45
C GLU A 393 11.80 -16.80 -28.39
N GLU A 394 12.52 -16.14 -27.48
CA GLU A 394 13.93 -16.40 -27.26
C GLU A 394 14.22 -17.73 -26.54
N GLY A 395 13.17 -18.49 -26.20
CA GLY A 395 13.33 -19.83 -25.66
C GLY A 395 13.71 -19.89 -24.20
N ARG A 396 13.52 -18.78 -23.49
CA ARG A 396 13.81 -18.68 -22.07
C ARG A 396 12.57 -18.92 -21.23
N LEU A 397 11.46 -19.23 -21.88
CA LEU A 397 10.22 -19.50 -21.18
C LEU A 397 9.43 -20.53 -21.96
N SER A 398 8.99 -21.57 -21.28
CA SER A 398 8.25 -22.64 -21.91
C SER A 398 6.87 -22.16 -22.33
N GLU A 399 6.26 -22.92 -23.23
CA GLU A 399 4.94 -22.60 -23.75
C GLU A 399 3.88 -22.52 -22.65
N GLU A 400 3.76 -23.57 -21.85
N GLU A 400 3.76 -23.56 -21.83
CA GLU A 400 2.75 -23.61 -20.80
CA GLU A 400 2.73 -23.58 -20.80
C GLU A 400 2.89 -22.44 -19.80
C GLU A 400 2.89 -22.42 -19.81
N ALA A 401 4.13 -22.12 -19.41
CA ALA A 401 4.38 -20.97 -18.52
C ALA A 401 3.97 -19.70 -19.25
N TYR A 402 4.53 -19.49 -20.43
CA TYR A 402 4.19 -18.35 -21.27
C TYR A 402 2.69 -18.14 -21.42
N ARG A 403 1.97 -19.21 -21.72
CA ARG A 403 0.53 -19.09 -22.01
C ARG A 403 -0.28 -18.74 -20.77
N ALA A 404 0.05 -19.37 -19.65
CA ALA A 404 -0.53 -18.98 -18.37
C ALA A 404 -0.24 -17.52 -18.10
N ALA A 405 1.00 -17.09 -18.31
CA ALA A 405 1.36 -15.68 -18.10
C ALA A 405 0.45 -14.74 -18.90
N VAL A 406 0.26 -15.03 -20.18
CA VAL A 406 -0.59 -14.21 -21.05
C VAL A 406 -2.02 -14.14 -20.53
N GLU A 407 -2.56 -15.30 -20.19
CA GLU A 407 -3.96 -15.42 -19.76
C GLU A 407 -4.21 -14.72 -18.44
N ILE A 408 -3.21 -14.70 -17.56
CA ILE A 408 -3.28 -13.90 -16.33
C ILE A 408 -3.35 -12.39 -16.63
N GLN A 409 -2.49 -11.94 -17.53
CA GLN A 409 -2.42 -10.53 -17.90
C GLN A 409 -3.69 -10.06 -18.59
N LEU A 410 -4.21 -10.89 -19.48
CA LEU A 410 -5.44 -10.58 -20.18
C LEU A 410 -6.64 -10.59 -19.25
N ALA A 411 -6.66 -11.53 -18.28
CA ALA A 411 -7.80 -11.69 -17.37
C ALA A 411 -8.01 -10.49 -16.44
N GLU A 412 -6.94 -9.75 -16.16
CA GLU A 412 -7.04 -8.51 -15.40
C GLU A 412 -7.83 -7.42 -16.10
N LEU A 413 -7.89 -7.48 -17.42
CA LEU A 413 -8.64 -6.49 -18.18
C LEU A 413 -9.96 -7.03 -18.75
N THR A 414 -9.99 -8.29 -19.18
CA THR A 414 -11.23 -8.88 -19.71
C THR A 414 -12.32 -9.09 -18.65
N LYS A 415 -11.92 -9.14 -17.37
CA LYS A 415 -12.90 -9.24 -16.26
C LYS A 415 -13.81 -8.01 -16.24
N LYS A 416 -13.24 -6.85 -16.56
CA LYS A 416 -13.96 -5.57 -16.59
C LYS A 416 -14.93 -5.51 -17.76
N GLU A 417 -16.22 -5.72 -17.49
CA GLU A 417 -17.26 -5.80 -18.53
C GLU A 417 -17.08 -4.74 -19.62
N GLY A 418 -17.28 -5.16 -20.87
CA GLY A 418 -17.09 -4.31 -22.04
C GLY A 418 -15.77 -4.58 -22.73
N VAL A 419 -14.80 -5.10 -21.97
CA VAL A 419 -13.46 -5.37 -22.49
C VAL A 419 -13.35 -6.82 -23.00
N GLY A 420 -13.14 -6.96 -24.30
CA GLY A 420 -12.87 -8.27 -24.91
C GLY A 420 -11.37 -8.52 -24.98
N ARG A 421 -10.99 -9.69 -25.49
CA ARG A 421 -9.58 -10.11 -25.44
C ARG A 421 -8.64 -9.29 -26.33
N LYS A 422 -9.08 -8.95 -27.54
CA LYS A 422 -8.20 -8.19 -28.44
C LYS A 422 -8.07 -6.71 -28.04
N THR A 423 -9.12 -6.15 -27.45
CA THR A 423 -9.01 -4.82 -26.86
C THR A 423 -8.09 -4.87 -25.65
N ALA A 424 -8.17 -5.94 -24.86
CA ALA A 424 -7.28 -6.13 -23.72
C ALA A 424 -5.84 -6.24 -24.22
N GLU A 425 -5.62 -7.16 -25.15
CA GLU A 425 -4.30 -7.37 -25.77
C GLU A 425 -3.70 -6.08 -26.32
N ARG A 426 -4.53 -5.26 -26.97
CA ARG A 426 -4.05 -4.02 -27.59
C ARG A 426 -3.58 -3.05 -26.53
N LEU A 427 -4.44 -2.84 -25.53
CA LEU A 427 -4.12 -1.99 -24.38
C LEU A 427 -2.78 -2.34 -23.76
N LEU A 428 -2.53 -3.64 -23.58
CA LEU A 428 -1.25 -4.11 -23.04
C LEU A 428 -0.06 -3.73 -23.92
N ARG A 429 -0.27 -3.67 -25.24
CA ARG A 429 0.78 -3.25 -26.17
C ARG A 429 1.03 -1.75 -26.06
N ALA A 430 -0.06 -0.99 -25.99
CA ALA A 430 0.05 0.46 -25.91
C ALA A 430 0.81 0.88 -24.65
N PHE A 431 0.51 0.23 -23.53
CA PHE A 431 0.90 0.73 -22.22
C PHE A 431 1.76 -0.20 -21.35
N GLY A 432 2.00 -1.43 -21.83
CA GLY A 432 3.00 -2.31 -21.21
C GLY A 432 2.44 -3.52 -20.49
N ASN A 433 1.77 -3.26 -19.36
CA ASN A 433 1.24 -4.32 -18.50
C ASN A 433 -0.11 -3.91 -17.91
N PRO A 434 -0.86 -4.88 -17.37
CA PRO A 434 -2.18 -4.53 -16.86
C PRO A 434 -2.17 -3.53 -15.71
N GLU A 435 -1.17 -3.60 -14.84
CA GLU A 435 -1.10 -2.67 -13.70
C GLU A 435 -0.91 -1.24 -14.19
N ARG A 436 -0.11 -1.04 -15.23
CA ARG A 436 0.06 0.30 -15.80
C ARG A 436 -1.20 0.81 -16.54
N VAL A 437 -2.00 -0.11 -17.09
CA VAL A 437 -3.26 0.25 -17.74
C VAL A 437 -4.24 0.75 -16.70
N LYS A 438 -4.38 -0.01 -15.62
CA LYS A 438 -5.29 0.36 -14.54
C LYS A 438 -4.93 1.74 -14.00
N GLN A 439 -3.64 1.96 -13.73
CA GLN A 439 -3.15 3.22 -13.17
C GLN A 439 -3.51 4.43 -14.02
N LEU A 440 -3.42 4.28 -15.34
CA LEU A 440 -3.86 5.35 -16.23
C LEU A 440 -5.36 5.64 -16.05
N ALA A 441 -6.15 4.60 -15.84
CA ALA A 441 -7.59 4.76 -15.61
C ALA A 441 -7.89 5.51 -14.30
N ARG A 442 -7.12 5.25 -13.25
CA ARG A 442 -7.33 5.91 -11.96
C ARG A 442 -6.88 7.37 -12.01
N GLU A 443 -5.93 7.67 -12.88
CA GLU A 443 -5.48 9.04 -13.13
C GLU A 443 -6.39 9.74 -14.13
N PHE A 444 -7.42 9.04 -14.58
CA PHE A 444 -8.47 9.58 -15.44
C PHE A 444 -7.98 9.96 -16.84
N GLU A 445 -6.95 9.27 -17.34
CA GLU A 445 -6.39 9.59 -18.66
C GLU A 445 -7.27 9.01 -19.76
N ILE A 446 -8.42 9.66 -19.95
CA ILE A 446 -9.50 9.15 -20.80
C ILE A 446 -9.18 9.24 -22.28
N GLU A 447 -8.59 10.37 -22.70
CA GLU A 447 -8.17 10.51 -24.09
C GLU A 447 -7.06 9.51 -24.40
N LYS A 448 -6.09 9.35 -23.49
CA LYS A 448 -4.97 8.45 -23.74
C LYS A 448 -5.45 7.02 -23.98
N LEU A 449 -6.33 6.54 -23.12
CA LEU A 449 -6.90 5.19 -23.28
C LEU A 449 -7.76 5.08 -24.55
N ALA A 450 -8.72 6.01 -24.69
CA ALA A 450 -9.69 6.00 -25.80
C ALA A 450 -9.05 5.84 -27.18
N SER A 451 -7.86 6.40 -27.35
CA SER A 451 -7.14 6.38 -28.62
C SER A 451 -6.60 4.98 -29.02
N VAL A 452 -7.10 3.94 -28.37
CA VAL A 452 -6.75 2.56 -28.70
C VAL A 452 -7.99 1.87 -29.27
N GLU A 453 -7.80 1.08 -30.32
CA GLU A 453 -8.91 0.45 -31.02
C GLU A 453 -9.68 -0.47 -30.07
N GLY A 454 -11.00 -0.36 -30.10
CA GLY A 454 -11.87 -1.19 -29.28
C GLY A 454 -12.21 -0.59 -27.93
N VAL A 455 -11.57 0.53 -27.59
CA VAL A 455 -11.81 1.21 -26.31
C VAL A 455 -12.90 2.27 -26.49
N GLY A 456 -14.13 1.89 -26.16
CA GLY A 456 -15.29 2.77 -26.34
C GLY A 456 -15.85 3.29 -25.03
N GLU A 457 -17.05 3.88 -25.11
CA GLU A 457 -17.76 4.39 -23.93
C GLU A 457 -18.02 3.29 -22.88
N ARG A 458 -18.33 2.09 -23.36
CA ARG A 458 -18.62 0.94 -22.48
C ARG A 458 -17.37 0.49 -21.72
N VAL A 459 -16.24 0.45 -22.43
CA VAL A 459 -14.93 0.20 -21.82
C VAL A 459 -14.62 1.27 -20.78
N LEU A 460 -14.65 2.53 -21.22
CA LEU A 460 -14.36 3.69 -20.37
C LEU A 460 -15.21 3.69 -19.12
N ARG A 461 -16.49 3.39 -19.29
CA ARG A 461 -17.42 3.29 -18.16
C ARG A 461 -16.86 2.38 -17.07
N SER A 462 -16.56 1.14 -17.45
CA SER A 462 -16.18 0.10 -16.50
C SER A 462 -14.74 0.22 -16.02
N LEU A 463 -13.88 0.91 -16.78
CA LEU A 463 -12.47 1.06 -16.39
C LEU A 463 -12.21 2.27 -15.50
N VAL A 464 -12.62 3.45 -15.96
CA VAL A 464 -12.29 4.73 -15.32
C VAL A 464 -13.26 5.06 -14.18
N PRO A 465 -12.76 5.09 -12.93
CA PRO A 465 -13.66 5.38 -11.80
C PRO A 465 -14.30 6.77 -11.89
N GLY A 466 -15.63 6.81 -11.97
CA GLY A 466 -16.35 8.09 -11.98
C GLY A 466 -16.69 8.64 -13.35
N TYR A 467 -16.15 8.05 -14.41
CA TYR A 467 -16.53 8.44 -15.76
C TYR A 467 -18.00 8.07 -16.02
N ALA A 468 -18.39 6.87 -15.59
CA ALA A 468 -19.77 6.41 -15.70
C ALA A 468 -20.74 7.47 -15.21
N SER A 469 -20.44 8.03 -14.04
CA SER A 469 -21.32 8.98 -13.38
C SER A 469 -21.43 10.32 -14.11
N LEU A 470 -20.29 10.95 -14.39
CA LEU A 470 -20.28 12.23 -15.09
C LEU A 470 -20.87 12.19 -16.49
N ILE A 471 -20.53 11.14 -17.24
CA ILE A 471 -20.91 11.07 -18.65
C ILE A 471 -22.42 10.79 -18.84
N SER A 472 -23.05 10.17 -17.83
CA SER A 472 -24.49 9.91 -17.86
C SER A 472 -25.37 11.15 -17.56
N ILE A 473 -24.74 12.32 -17.44
CA ILE A 473 -25.42 13.61 -17.37
C ILE A 473 -25.38 14.26 -18.75
N ARG A 474 -26.55 14.60 -19.29
CA ARG A 474 -26.64 15.12 -20.65
C ARG A 474 -25.86 16.42 -20.81
N GLY A 475 -25.08 16.50 -21.89
CA GLY A 475 -24.33 17.71 -22.23
C GLY A 475 -22.86 17.67 -21.84
N ILE A 476 -22.51 16.90 -20.81
CA ILE A 476 -21.12 16.74 -20.39
C ILE A 476 -20.38 15.82 -21.36
N ASP A 477 -19.43 16.39 -22.11
CA ASP A 477 -18.67 15.61 -23.10
C ASP A 477 -17.47 14.90 -22.47
N ARG A 478 -16.80 14.06 -23.26
CA ARG A 478 -15.64 13.29 -22.81
C ARG A 478 -14.49 14.18 -22.33
N GLU A 479 -14.17 15.21 -23.11
CA GLU A 479 -13.07 16.13 -22.76
C GLU A 479 -13.34 16.75 -21.40
N ARG A 480 -14.58 17.16 -21.19
CA ARG A 480 -15.00 17.78 -19.94
C ARG A 480 -14.90 16.80 -18.76
N ALA A 481 -15.41 15.59 -18.95
CA ALA A 481 -15.34 14.56 -17.94
C ALA A 481 -13.90 14.36 -17.47
N GLU A 482 -12.96 14.38 -18.42
CA GLU A 482 -11.54 14.22 -18.09
C GLU A 482 -11.04 15.43 -17.29
N ARG A 483 -11.32 16.64 -17.79
CA ARG A 483 -10.91 17.87 -17.12
C ARG A 483 -11.44 17.94 -15.70
N LEU A 484 -12.74 17.70 -15.54
CA LEU A 484 -13.36 17.70 -14.21
C LEU A 484 -12.71 16.66 -13.30
N LEU A 485 -12.67 15.40 -13.75
CA LEU A 485 -12.09 14.32 -12.92
C LEU A 485 -10.65 14.62 -12.50
N LYS A 486 -9.83 15.09 -13.44
CA LYS A 486 -8.42 15.39 -13.17
C LYS A 486 -8.23 16.59 -12.23
N LYS A 487 -9.06 17.62 -12.39
CA LYS A 487 -8.91 18.84 -11.59
C LYS A 487 -9.22 18.61 -10.12
N TYR A 488 -10.26 17.81 -9.83
CA TYR A 488 -10.78 17.67 -8.47
C TYR A 488 -10.41 16.36 -7.75
N GLY A 489 -10.00 15.35 -8.52
CA GLY A 489 -9.63 14.06 -7.95
C GLY A 489 -10.83 13.14 -7.81
N GLY A 490 -11.50 12.91 -8.94
CA GLY A 490 -12.57 11.92 -8.98
C GLY A 490 -13.96 12.46 -8.74
N TYR A 491 -14.95 11.70 -9.20
CA TYR A 491 -16.36 12.10 -9.14
C TYR A 491 -16.78 12.65 -7.80
N SER A 492 -16.62 11.85 -6.74
CA SER A 492 -17.07 12.26 -5.41
C SER A 492 -16.53 13.66 -5.04
N LYS A 493 -15.26 13.89 -5.34
CA LYS A 493 -14.64 15.21 -5.13
C LYS A 493 -15.19 16.28 -6.07
N VAL A 494 -15.57 15.88 -7.30
CA VAL A 494 -16.24 16.80 -8.21
C VAL A 494 -17.63 17.17 -7.69
N ARG A 495 -18.35 16.17 -7.19
CA ARG A 495 -19.66 16.37 -6.57
C ARG A 495 -19.58 17.35 -5.39
N GLU A 496 -18.48 17.26 -4.65
CA GLU A 496 -18.24 18.13 -3.49
C GLU A 496 -17.83 19.55 -3.88
N ALA A 497 -17.37 19.75 -5.11
CA ALA A 497 -16.93 21.06 -5.56
C ALA A 497 -18.02 22.11 -5.36
N GLY A 498 -17.61 23.36 -5.22
CA GLY A 498 -18.55 24.47 -5.08
C GLY A 498 -19.32 24.71 -6.38
N VAL A 499 -20.48 25.33 -6.27
CA VAL A 499 -21.31 25.61 -7.44
C VAL A 499 -20.69 26.75 -8.27
N GLU A 500 -20.07 27.70 -7.60
CA GLU A 500 -19.45 28.85 -8.25
C GLU A 500 -18.32 28.41 -9.17
N GLU A 501 -17.50 27.46 -8.68
CA GLU A 501 -16.33 27.00 -9.44
C GLU A 501 -16.69 25.97 -10.51
N LEU A 502 -17.79 25.24 -10.32
CA LEU A 502 -18.28 24.33 -11.36
C LEU A 502 -18.81 25.13 -12.55
N ARG A 503 -19.43 26.27 -12.28
CA ARG A 503 -19.80 27.21 -13.32
C ARG A 503 -18.58 27.69 -14.09
N GLU A 504 -17.55 28.12 -13.37
CA GLU A 504 -16.28 28.54 -14.00
C GLU A 504 -15.71 27.45 -14.92
N ASP A 505 -15.88 26.19 -14.52
CA ASP A 505 -15.46 25.03 -15.34
C ASP A 505 -16.37 24.78 -16.55
N GLY A 506 -17.49 25.49 -16.63
CA GLY A 506 -18.37 25.43 -17.79
C GLY A 506 -19.53 24.45 -17.69
N LEU A 507 -20.04 24.21 -16.49
CA LEU A 507 -21.22 23.37 -16.31
C LEU A 507 -22.47 24.23 -16.34
N THR A 508 -23.47 23.82 -17.12
CA THR A 508 -24.77 24.49 -17.11
C THR A 508 -25.37 24.26 -15.74
N ASP A 509 -26.30 25.12 -15.34
CA ASP A 509 -26.90 25.01 -14.02
C ASP A 509 -27.73 23.73 -13.88
N ALA A 510 -28.36 23.30 -14.98
CA ALA A 510 -29.05 22.01 -15.04
C ALA A 510 -28.11 20.87 -14.66
N GLN A 511 -26.92 20.87 -15.26
CA GLN A 511 -25.90 19.84 -15.00
C GLN A 511 -25.49 19.82 -13.53
N ILE A 512 -25.18 20.99 -12.97
CA ILE A 512 -24.79 21.12 -11.55
C ILE A 512 -25.92 20.64 -10.63
N ARG A 513 -27.15 21.00 -10.98
CA ARG A 513 -28.35 20.58 -10.25
C ARG A 513 -28.45 19.05 -10.14
N GLU A 514 -28.32 18.35 -11.26
CA GLU A 514 -28.39 16.87 -11.26
C GLU A 514 -27.25 16.25 -10.47
N LEU A 515 -26.05 16.82 -10.62
CA LEU A 515 -24.85 16.29 -10.00
C LEU A 515 -24.97 16.23 -8.49
N LYS A 516 -25.43 17.33 -7.90
CA LYS A 516 -25.56 17.41 -6.45
C LYS A 516 -26.94 16.93 -6.00
N GLY A 517 -27.85 16.76 -6.95
CA GLY A 517 -29.18 16.21 -6.68
C GLY A 517 -29.95 17.06 -5.70
N LEU A 518 -29.94 18.37 -5.94
CA LEU A 518 -30.60 19.33 -5.07
C LEU A 518 -31.68 20.08 -5.86
N LYS A 519 -32.49 19.31 -6.60
CA LYS A 519 -33.61 19.89 -7.34
C LYS A 519 -34.71 20.29 -6.35
N THR A 520 -34.94 19.45 -5.34
CA THR A 520 -36.00 19.67 -4.35
C THR A 520 -35.70 20.88 -3.45
N LEU A 521 -34.42 21.03 -3.06
CA LEU A 521 -33.96 22.19 -2.28
C LEU A 521 -34.07 23.50 -3.08
N GLU A 522 -33.86 23.41 -4.39
CA GLU A 522 -33.94 24.60 -5.26
C GLU A 522 -35.39 25.00 -5.58
N SER A 523 -36.34 24.11 -5.32
CA SER A 523 -37.73 24.51 -5.25
C SER A 523 -37.90 25.39 -4.01
N ILE A 524 -37.50 24.85 -2.86
CA ILE A 524 -37.62 25.52 -1.57
C ILE A 524 -36.95 26.90 -1.52
N VAL A 525 -35.80 27.01 -2.17
CA VAL A 525 -35.01 28.25 -2.16
C VAL A 525 -34.69 28.66 -3.60
N GLY A 526 -34.49 29.96 -3.82
CA GLY A 526 -34.34 30.53 -5.16
C GLY A 526 -33.30 29.85 -6.06
N ASP A 527 -32.02 30.08 -5.76
CA ASP A 527 -30.93 29.69 -6.67
C ASP A 527 -30.18 28.44 -6.18
N LEU A 528 -29.21 28.01 -7.00
CA LEU A 528 -28.43 26.80 -6.75
C LEU A 528 -27.56 26.88 -5.51
N GLU A 529 -26.83 27.99 -5.36
CA GLU A 529 -25.82 28.10 -4.32
C GLU A 529 -26.39 27.87 -2.92
N LYS A 530 -27.47 28.59 -2.59
CA LYS A 530 -28.11 28.44 -1.28
C LYS A 530 -28.67 27.03 -1.06
N ALA A 531 -29.16 26.39 -2.13
CA ALA A 531 -29.59 25.00 -2.06
C ALA A 531 -28.43 24.13 -1.56
N ASP A 532 -27.25 24.36 -2.15
CA ASP A 532 -26.04 23.65 -1.77
C ASP A 532 -25.64 23.98 -0.32
N GLU A 533 -25.64 25.25 0.05
CA GLU A 533 -25.41 25.63 1.46
C GLU A 533 -26.32 24.83 2.38
N LEU A 534 -27.60 24.73 2.00
CA LEU A 534 -28.57 23.98 2.79
C LEU A 534 -28.38 22.48 2.68
N LYS A 535 -27.86 21.99 1.55
CA LYS A 535 -27.54 20.57 1.40
C LYS A 535 -26.32 20.14 2.23
N ARG A 536 -25.41 21.07 2.53
CA ARG A 536 -24.22 20.72 3.32
C ARG A 536 -24.60 20.43 4.78
N LYS A 537 -25.19 21.43 5.42
CA LYS A 537 -25.46 21.38 6.87
C LYS A 537 -26.55 20.35 7.20
N TYR A 538 -27.64 20.40 6.42
CA TYR A 538 -28.76 19.49 6.59
C TYR A 538 -28.79 18.52 5.41
N GLY A 539 -29.23 17.30 5.64
CA GLY A 539 -29.13 16.24 4.64
C GLY A 539 -29.98 16.47 3.40
N SER A 540 -31.24 16.84 3.62
CA SER A 540 -32.23 16.91 2.54
C SER A 540 -33.23 18.05 2.77
N ALA A 541 -34.09 18.28 1.79
CA ALA A 541 -35.25 19.15 1.97
C ALA A 541 -36.06 18.64 3.16
N SER A 542 -36.33 17.33 3.14
CA SER A 542 -37.00 16.62 4.23
C SER A 542 -36.59 17.15 5.61
N ALA A 543 -35.29 17.31 5.82
CA ALA A 543 -34.74 17.78 7.10
C ALA A 543 -34.98 19.28 7.31
N VAL A 544 -34.91 20.07 6.24
CA VAL A 544 -35.04 21.52 6.35
C VAL A 544 -36.43 21.94 6.83
N ARG A 545 -37.45 21.21 6.38
CA ARG A 545 -38.83 21.48 6.78
C ARG A 545 -39.06 21.28 8.28
N ARG A 546 -38.40 20.27 8.84
CA ARG A 546 -38.57 19.91 10.25
C ARG A 546 -37.94 20.91 11.21
N LEU A 547 -37.10 21.82 10.69
CA LEU A 547 -36.34 22.72 11.54
C LEU A 547 -37.22 23.69 12.33
N PRO A 548 -36.81 24.02 13.57
CA PRO A 548 -37.54 24.98 14.41
C PRO A 548 -37.86 26.26 13.68
N VAL A 549 -39.00 26.86 14.03
CA VAL A 549 -39.48 28.06 13.34
C VAL A 549 -38.48 29.20 13.46
N GLU A 550 -37.89 29.36 14.65
CA GLU A 550 -36.84 30.36 14.89
C GLU A 550 -35.67 30.13 13.94
N GLU A 551 -35.28 28.86 13.77
CA GLU A 551 -34.11 28.51 12.97
C GLU A 551 -34.30 28.81 11.48
N LEU A 552 -35.45 28.40 10.94
CA LEU A 552 -35.80 28.70 9.56
C LEU A 552 -35.82 30.20 9.33
N ARG A 553 -36.48 30.90 10.25
CA ARG A 553 -36.65 32.36 10.17
C ARG A 553 -35.28 33.01 10.20
N GLU A 554 -34.49 32.61 11.19
CA GLU A 554 -33.11 33.04 11.31
C GLU A 554 -32.30 32.53 10.13
N LEU A 555 -31.32 33.32 9.69
CA LEU A 555 -30.55 33.05 8.48
C LEU A 555 -31.39 32.22 7.47
N GLY A 556 -32.53 32.80 7.12
CA GLY A 556 -33.43 32.25 6.11
C GLY A 556 -34.32 33.39 5.63
N PHE A 557 -35.56 33.07 5.26
CA PHE A 557 -36.44 34.07 4.64
C PHE A 557 -37.82 34.14 5.34
N SER A 558 -38.87 34.41 4.56
CA SER A 558 -40.15 34.90 5.08
C SER A 558 -40.88 33.97 6.07
N ASP A 559 -41.83 34.56 6.79
CA ASP A 559 -42.74 33.79 7.66
C ASP A 559 -43.82 33.10 6.85
N ASP A 560 -44.26 33.75 5.77
CA ASP A 560 -45.14 33.11 4.81
C ASP A 560 -44.40 31.95 4.15
N GLU A 561 -43.14 32.15 3.78
CA GLU A 561 -42.32 31.08 3.21
C GLU A 561 -42.18 29.90 4.18
N ILE A 562 -42.06 30.19 5.47
CA ILE A 562 -42.00 29.14 6.50
C ILE A 562 -43.34 28.45 6.66
N ALA A 563 -44.44 29.20 6.48
CA ALA A 563 -45.77 28.61 6.45
C ALA A 563 -45.93 27.62 5.29
N GLU A 564 -45.47 28.02 4.11
CA GLU A 564 -45.60 27.20 2.90
C GLU A 564 -44.68 25.99 2.97
N ILE A 565 -43.46 26.20 3.45
CA ILE A 565 -42.49 25.13 3.61
C ILE A 565 -43.01 23.99 4.50
N LYS A 566 -43.69 24.33 5.59
CA LYS A 566 -44.19 23.33 6.55
C LYS A 566 -45.65 22.93 6.31
N GLY A 567 -46.28 23.50 5.29
CA GLY A 567 -47.66 23.15 4.93
C GLY A 567 -48.68 23.52 5.99
N ILE A 568 -48.52 24.70 6.58
CA ILE A 568 -49.39 25.14 7.67
C ILE A 568 -50.68 25.67 7.09
N PRO A 569 -51.81 24.98 7.35
CA PRO A 569 -53.09 25.34 6.77
C PRO A 569 -53.50 26.78 7.05
N LYS A 570 -54.34 27.33 6.18
CA LYS A 570 -54.80 28.72 6.28
C LYS A 570 -55.42 29.04 7.65
N LYS A 571 -56.34 28.19 8.09
CA LYS A 571 -57.09 28.40 9.34
C LYS A 571 -56.22 28.41 10.59
N LEU A 572 -55.22 27.53 10.63
CA LEU A 572 -54.28 27.44 11.75
C LEU A 572 -53.28 28.61 11.74
N ARG A 573 -52.92 29.06 10.54
CA ARG A 573 -52.03 30.19 10.34
C ARG A 573 -52.74 31.51 10.69
N GLU A 574 -54.04 31.58 10.45
CA GLU A 574 -54.81 32.83 10.62
C GLU A 574 -55.04 33.21 12.08
N ALA A 575 -55.01 32.24 12.98
CA ALA A 575 -55.27 32.51 14.40
C ALA A 575 -53.97 32.66 15.18
N PHE A 576 -53.21 31.56 15.33
CA PHE A 576 -52.01 31.58 16.15
C PHE A 576 -50.85 32.23 15.43
N ASP A 577 -49.77 32.48 16.18
CA ASP A 577 -48.50 32.86 15.59
C ASP A 577 -47.84 31.60 15.04
N LEU A 578 -46.78 31.77 14.27
CA LEU A 578 -46.11 30.63 13.63
C LEU A 578 -45.62 29.63 14.67
N GLU A 579 -44.84 30.12 15.65
CA GLU A 579 -44.27 29.25 16.69
C GLU A 579 -45.22 28.13 17.08
N THR A 580 -46.42 28.49 17.52
CA THR A 580 -47.36 27.54 18.09
C THR A 580 -48.21 26.83 17.02
N ALA A 581 -48.41 27.47 15.87
CA ALA A 581 -49.16 26.86 14.76
C ALA A 581 -48.42 25.68 14.13
N ALA A 582 -47.14 25.90 13.79
CA ALA A 582 -46.29 24.86 13.22
C ALA A 582 -45.95 23.74 14.22
N GLU A 583 -46.12 24.02 15.51
CA GLU A 583 -45.86 23.04 16.58
C GLU A 583 -47.05 22.11 16.75
N LEU A 584 -48.25 22.69 16.77
CA LEU A 584 -49.49 21.93 16.84
C LEU A 584 -49.65 21.04 15.60
N TYR A 585 -49.28 21.56 14.44
CA TYR A 585 -49.35 20.79 13.19
C TYR A 585 -48.36 19.62 13.20
N GLU A 586 -47.12 19.90 13.61
CA GLU A 586 -46.10 18.87 13.78
C GLU A 586 -46.61 17.76 14.70
N ARG A 587 -47.24 18.16 15.79
CA ARG A 587 -47.68 17.22 16.82
C ARG A 587 -48.86 16.35 16.42
N TYR A 588 -49.77 16.89 15.60
CA TYR A 588 -51.03 16.20 15.29
C TYR A 588 -51.31 15.93 13.80
N GLY A 589 -50.66 16.67 12.91
CA GLY A 589 -50.60 16.31 11.49
C GLY A 589 -51.77 16.68 10.59
N SER A 590 -52.98 16.68 11.13
CA SER A 590 -54.18 16.88 10.31
C SER A 590 -54.81 18.25 10.49
N LEU A 591 -55.25 18.58 11.71
CA LEU A 591 -56.06 19.78 12.04
C LEU A 591 -57.41 19.34 12.60
N LYS A 592 -57.99 18.32 11.98
CA LYS A 592 -59.09 17.59 12.59
C LYS A 592 -58.61 17.08 13.95
N GLU A 593 -57.43 16.47 13.95
CA GLU A 593 -56.78 16.01 15.19
C GLU A 593 -56.48 17.14 16.15
N ILE A 594 -56.10 18.30 15.62
CA ILE A 594 -55.87 19.49 16.46
C ILE A 594 -57.07 19.74 17.39
N GLY A 595 -58.27 19.32 16.96
CA GLY A 595 -59.45 19.27 17.84
C GLY A 595 -59.50 18.08 18.79
N ARG A 596 -58.33 17.54 19.16
CA ARG A 596 -58.22 16.51 20.20
C ARG A 596 -58.04 17.16 21.58
N ARG A 597 -57.15 18.17 21.64
CA ARG A 597 -56.95 18.93 22.88
C ARG A 597 -58.13 19.85 23.16
N LEU A 598 -58.44 20.07 24.44
CA LEU A 598 -59.71 20.68 24.89
C LEU A 598 -60.03 22.07 24.31
N SER A 599 -61.31 22.43 24.38
CA SER A 599 -61.87 23.64 23.74
C SER A 599 -60.97 24.88 23.84
N TYR A 600 -60.80 25.42 25.05
CA TYR A 600 -59.99 26.62 25.23
C TYR A 600 -58.66 26.36 25.95
N ASP A 601 -58.16 25.13 25.85
CA ASP A 601 -56.72 24.87 25.89
C ASP A 601 -56.13 25.64 24.71
N ASP A 602 -56.95 25.83 23.67
CA ASP A 602 -56.66 26.74 22.56
C ASP A 602 -56.74 28.20 23.05
N LEU A 603 -56.07 28.50 24.16
CA LEU A 603 -56.15 29.81 24.81
C LEU A 603 -55.46 30.92 24.01
N LEU A 604 -54.71 30.54 22.98
CA LEU A 604 -53.92 31.47 22.19
C LEU A 604 -54.81 32.20 21.17
N GLU A 605 -54.70 33.53 21.14
CA GLU A 605 -55.36 34.40 20.16
C GLU A 605 -56.91 34.36 20.18
N LEU A 606 -57.55 34.73 19.07
CA LEU A 606 -59.01 34.90 18.98
C LEU A 606 -59.80 33.63 19.27
N GLY A 607 -61.11 33.78 19.44
CA GLY A 607 -62.01 32.64 19.59
C GLY A 607 -62.24 32.00 18.24
N ALA A 608 -61.17 31.45 17.68
CA ALA A 608 -61.21 30.80 16.37
C ALA A 608 -62.00 29.52 16.52
N THR A 609 -63.29 29.64 16.21
CA THR A 609 -64.22 28.53 16.34
C THR A 609 -64.10 27.47 15.24
N PRO A 610 -63.77 27.89 13.99
CA PRO A 610 -63.64 26.86 12.94
C PRO A 610 -62.70 25.69 13.25
N LYS A 611 -61.83 25.85 14.25
CA LYS A 611 -60.86 24.80 14.65
C LYS A 611 -61.52 23.66 15.43
N ALA A 612 -62.49 24.00 16.28
CA ALA A 612 -63.17 23.00 17.11
C ALA A 612 -64.27 22.31 16.30
C1 GOL B . 9.57 -9.25 13.50
O1 GOL B . 8.77 -8.22 14.06
C2 GOL B . 10.89 -8.66 13.03
O2 GOL B . 11.23 -7.58 13.86
C3 GOL B . 11.99 -9.72 13.07
O3 GOL B . 12.97 -9.46 12.08
C1 GOL C . 7.83 0.94 -20.41
O1 GOL C . 8.66 1.72 -21.24
C2 GOL C . 6.61 1.77 -19.99
O2 GOL C . 6.63 1.98 -18.59
C3 GOL C . 5.34 1.01 -20.31
O3 GOL C . 5.30 -0.13 -19.49
C1 GOL D . 10.86 -12.80 7.57
O1 GOL D . 11.84 -13.79 7.39
C2 GOL D . 11.48 -11.67 8.36
O2 GOL D . 12.70 -11.32 7.76
C3 GOL D . 10.54 -10.46 8.43
O3 GOL D . 10.54 -9.94 9.74
ZN ZN E . 19.60 13.77 8.21
#